data_4XEH
#
_entry.id   4XEH
#
_cell.length_a   46.065
_cell.length_b   67.482
_cell.length_c   112.350
_cell.angle_alpha   90.000
_cell.angle_beta   90.000
_cell.angle_gamma   90.000
#
_symmetry.space_group_name_H-M   'P 2 21 21'
#
loop_
_entity.id
_entity.type
_entity.pdbx_description
1 polymer 'Ketol-acid reductoisomerase'
2 water water
#
_entity_poly.entity_id   1
_entity_poly.type   'polypeptide(L)'
_entity_poly.pdbx_seq_one_letter_code
;MAKIYKDEDISLEPIKNKTIAILGYGSQGRAWALNLRDSGLNVVVGLERQGDSWRRAIDDGFKPMYTKDAVAIADIIVFL
VPDMVQKSLWLNSVKDFMKKGADLVFAHGFNIHFKIIEPPKDSDVYMIAPKSPGPIVRRSYEMGGGVPALVAVYQNVSGE
ALQKALAIAKGIGCARAGVIESTFKEETETDLFGEQVILVGGIMELIKASFETLVEEGYQPEVAYFETVNELKLIVDLIY
EKGLTGMLRAVSDTAKYGGITVGKFIIDKSVRDKMKIVLERIRSGEFAREWIKEYERGMPTVFKELSELEGSTIETVGRK
LREMMFRGMKQISSHLEHHHHHH
;
_entity_poly.pdbx_strand_id   A
#
# COMPACT_ATOMS: atom_id res chain seq x y z
N ALA A 2 -1.09 -16.92 13.25
CA ALA A 2 -0.83 -15.47 13.30
C ALA A 2 -1.59 -14.90 14.48
N LYS A 3 -1.11 -13.74 14.88
CA LYS A 3 -1.74 -12.96 15.95
C LYS A 3 -2.63 -11.97 15.24
N ILE A 4 -3.93 -12.13 15.51
CA ILE A 4 -4.93 -11.34 14.86
C ILE A 4 -5.68 -10.56 15.94
N TYR A 5 -5.78 -9.27 15.74
CA TYR A 5 -6.46 -8.34 16.68
C TYR A 5 -7.71 -7.69 16.03
N LYS A 6 -8.79 -7.67 16.80
CA LYS A 6 -10.02 -6.94 16.43
C LYS A 6 -10.24 -5.82 17.41
N ASP A 7 -11.23 -4.99 17.09
CA ASP A 7 -11.55 -3.80 17.92
C ASP A 7 -11.66 -4.11 19.43
N GLU A 8 -12.33 -5.25 19.73
CA GLU A 8 -12.46 -5.78 21.08
C GLU A 8 -11.14 -6.13 21.79
N ASP A 9 -10.07 -6.27 21.00
CA ASP A 9 -8.82 -6.75 21.51
C ASP A 9 -7.96 -5.56 21.92
N ILE A 10 -8.40 -4.35 21.54
CA ILE A 10 -7.51 -3.17 21.52
C ILE A 10 -8.07 -2.00 22.27
N SER A 11 -7.24 -1.44 23.15
CA SER A 11 -7.51 -0.19 23.82
C SER A 11 -6.88 1.00 23.11
N LEU A 12 -7.67 2.06 22.88
CA LEU A 12 -7.11 3.40 22.56
C LEU A 12 -6.37 4.15 23.69
N GLU A 13 -6.56 3.76 24.96
CA GLU A 13 -5.96 4.51 26.03
C GLU A 13 -4.44 4.80 25.87
N PRO A 14 -3.65 3.85 25.27
CA PRO A 14 -2.22 4.18 25.16
C PRO A 14 -1.83 5.42 24.40
N ILE A 15 -2.70 5.90 23.51
CA ILE A 15 -2.38 7.06 22.71
C ILE A 15 -3.30 8.24 23.01
N LYS A 16 -4.09 8.09 24.08
CA LYS A 16 -4.87 9.19 24.54
C LYS A 16 -3.93 10.28 25.16
N ASN A 17 -4.26 11.51 24.85
CA ASN A 17 -3.46 12.65 25.32
C ASN A 17 -2.04 12.65 24.79
N LYS A 18 -1.76 11.89 23.74
CA LYS A 18 -0.58 12.11 22.88
C LYS A 18 -0.89 12.97 21.67
N THR A 19 0.04 13.88 21.36
CA THR A 19 -0.06 14.67 20.13
C THR A 19 0.52 13.79 19.03
N ILE A 20 -0.31 13.53 18.03
CA ILE A 20 -0.01 12.80 16.82
C ILE A 20 0.21 13.73 15.66
N ALA A 21 1.46 13.73 15.14
CA ALA A 21 1.75 14.53 13.98
C ALA A 21 1.67 13.65 12.75
N ILE A 22 0.77 13.96 11.84
CA ILE A 22 0.64 13.27 10.58
C ILE A 22 1.39 14.11 9.61
N LEU A 23 2.46 13.49 9.04
CA LEU A 23 3.28 14.22 8.10
C LEU A 23 2.83 13.89 6.71
N GLY A 24 2.36 14.88 5.98
CA GLY A 24 1.73 14.61 4.69
C GLY A 24 0.19 14.75 4.72
N TYR A 25 -0.39 15.22 3.63
CA TYR A 25 -1.86 15.32 3.48
C TYR A 25 -2.32 15.01 2.08
N GLY A 26 -1.74 13.97 1.51
CA GLY A 26 -2.22 13.34 0.26
C GLY A 26 -3.41 12.47 0.66
N SER A 27 -3.85 11.56 -0.19
CA SER A 27 -5.06 10.80 0.21
C SER A 27 -4.82 9.92 1.46
N GLN A 28 -3.65 9.34 1.63
CA GLN A 28 -3.40 8.48 2.82
C GLN A 28 -3.30 9.35 4.12
N GLY A 29 -2.51 10.41 4.09
CA GLY A 29 -2.38 11.25 5.25
C GLY A 29 -3.75 11.84 5.66
N ARG A 30 -4.51 12.33 4.70
CA ARG A 30 -5.88 12.88 5.03
C ARG A 30 -6.74 11.85 5.70
N ALA A 31 -6.79 10.67 5.11
CA ALA A 31 -7.58 9.61 5.68
C ALA A 31 -7.18 9.32 7.13
N TRP A 32 -5.89 9.13 7.39
CA TRP A 32 -5.55 8.80 8.74
C TRP A 32 -5.81 10.00 9.67
N ALA A 33 -5.47 11.21 9.25
CA ALA A 33 -5.65 12.39 10.06
C ALA A 33 -7.11 12.51 10.49
N LEU A 34 -8.01 12.44 9.51
CA LEU A 34 -9.44 12.64 9.82
C LEU A 34 -9.98 11.51 10.62
N ASN A 35 -9.67 10.27 10.30
CA ASN A 35 -10.13 9.12 11.11
C ASN A 35 -9.65 9.24 12.53
N LEU A 36 -8.37 9.57 12.71
CA LEU A 36 -7.85 9.73 14.04
C LEU A 36 -8.54 10.86 14.82
N ARG A 37 -8.75 12.01 14.16
CA ARG A 37 -9.43 13.13 14.75
C ARG A 37 -10.85 12.72 15.07
N ASP A 38 -11.54 12.06 14.19
CA ASP A 38 -12.89 11.61 14.50
C ASP A 38 -13.02 10.58 15.58
N SER A 39 -11.94 9.82 15.81
CA SER A 39 -11.83 8.89 16.92
C SER A 39 -11.49 9.57 18.24
N GLY A 40 -11.30 10.89 18.23
CA GLY A 40 -11.12 11.67 19.43
C GLY A 40 -9.72 11.89 19.86
N LEU A 41 -8.78 11.64 18.94
CA LEU A 41 -7.38 11.85 19.21
C LEU A 41 -6.89 13.23 18.83
N ASN A 42 -5.73 13.59 19.42
CA ASN A 42 -5.14 14.89 19.20
CA ASN A 42 -5.13 14.91 19.20
C ASN A 42 -4.20 14.84 17.99
N VAL A 43 -4.61 15.44 16.87
CA VAL A 43 -3.90 15.34 15.59
C VAL A 43 -3.40 16.69 15.12
N VAL A 44 -2.11 16.77 14.77
CA VAL A 44 -1.58 17.90 14.00
C VAL A 44 -1.09 17.39 12.67
N VAL A 45 -1.25 18.24 11.66
CA VAL A 45 -0.80 18.02 10.29
C VAL A 45 0.46 18.83 10.05
N GLY A 46 1.57 18.12 9.67
CA GLY A 46 2.82 18.76 9.32
C GLY A 46 3.18 18.64 7.87
N LEU A 47 3.59 19.74 7.27
CA LEU A 47 3.81 19.81 5.81
C LEU A 47 5.04 20.65 5.55
N GLU A 48 5.70 20.45 4.41
CA GLU A 48 6.88 21.26 4.01
C GLU A 48 6.57 22.56 3.31
N ARG A 49 5.41 22.60 2.62
CA ARG A 49 5.08 23.71 1.70
C ARG A 49 3.63 24.14 1.90
N GLN A 50 3.37 25.44 1.77
CA GLN A 50 2.00 25.95 1.88
C GLN A 50 1.26 25.85 0.57
N GLY A 51 0.98 24.65 0.12
CA GLY A 51 0.52 24.43 -1.25
C GLY A 51 -0.85 23.76 -1.24
N ASP A 52 -1.06 22.88 -2.21
CA ASP A 52 -2.38 22.19 -2.34
C ASP A 52 -2.83 21.49 -1.06
N SER A 53 -1.95 20.63 -0.56
CA SER A 53 -2.25 19.76 0.57
C SER A 53 -2.50 20.59 1.84
N TRP A 54 -1.70 21.65 2.03
CA TRP A 54 -1.90 22.62 3.10
C TRP A 54 -3.32 23.26 3.13
N ARG A 55 -3.76 23.73 1.96
CA ARG A 55 -5.07 24.33 1.76
C ARG A 55 -6.20 23.30 2.00
N ARG A 56 -5.98 22.06 1.60
CA ARG A 56 -6.96 20.97 1.83
C ARG A 56 -7.11 20.70 3.30
N ALA A 57 -5.99 20.66 4.00
CA ALA A 57 -5.97 20.47 5.43
C ALA A 57 -6.72 21.58 6.13
N ILE A 58 -6.50 22.84 5.72
CA ILE A 58 -7.28 23.98 6.23
C ILE A 58 -8.79 23.80 6.02
N ASP A 59 -9.16 23.40 4.80
CA ASP A 59 -10.57 23.13 4.42
C ASP A 59 -11.20 22.06 5.30
N ASP A 60 -10.37 21.11 5.74
CA ASP A 60 -10.82 20.06 6.66
C ASP A 60 -10.73 20.44 8.17
N GLY A 61 -10.46 21.72 8.47
CA GLY A 61 -10.51 22.25 9.80
C GLY A 61 -9.25 22.05 10.56
N PHE A 62 -8.20 21.50 9.92
CA PHE A 62 -6.90 21.56 10.54
C PHE A 62 -6.29 22.97 10.44
N LYS A 63 -5.38 23.23 11.37
CA LYS A 63 -4.44 24.32 11.19
C LYS A 63 -3.05 23.70 10.93
N PRO A 64 -2.72 23.50 9.62
CA PRO A 64 -1.38 22.86 9.41
C PRO A 64 -0.20 23.70 9.93
N MET A 65 0.86 22.97 10.26
CA MET A 65 2.15 23.57 10.50
C MET A 65 3.25 22.93 9.65
N TYR A 66 4.36 23.64 9.53
CA TYR A 66 5.55 23.10 8.94
C TYR A 66 5.99 21.91 9.77
N THR A 67 6.53 20.93 9.06
CA THR A 67 7.03 19.71 9.70
C THR A 67 7.92 19.92 10.93
N LYS A 68 8.87 20.81 10.78
CA LYS A 68 9.83 21.07 11.83
C LYS A 68 9.09 21.46 13.12
N ASP A 69 7.99 22.19 13.00
CA ASP A 69 7.20 22.66 14.17
C ASP A 69 6.33 21.55 14.73
N ALA A 70 5.71 20.82 13.83
CA ALA A 70 4.83 19.72 14.20
C ALA A 70 5.53 18.61 14.97
N VAL A 71 6.76 18.27 14.51
CA VAL A 71 7.45 17.16 15.14
C VAL A 71 8.05 17.52 16.49
N ALA A 72 8.22 18.84 16.69
CA ALA A 72 8.73 19.35 17.91
C ALA A 72 7.80 19.22 19.09
N ILE A 73 6.50 19.20 18.85
CA ILE A 73 5.47 19.02 19.89
C ILE A 73 4.79 17.65 19.89
N ALA A 74 5.25 16.77 18.97
CA ALA A 74 4.61 15.53 18.78
C ALA A 74 5.11 14.48 19.74
N ASP A 75 4.21 13.59 20.17
CA ASP A 75 4.58 12.35 20.81
C ASP A 75 4.68 11.16 19.83
N ILE A 76 4.01 11.28 18.68
CA ILE A 76 3.89 10.24 17.70
C ILE A 76 3.96 10.94 16.41
N ILE A 77 4.95 10.56 15.55
CA ILE A 77 5.14 11.20 14.28
C ILE A 77 4.94 10.15 13.16
N VAL A 78 3.99 10.38 12.24
CA VAL A 78 3.60 9.43 11.26
C VAL A 78 4.02 9.89 9.87
N PHE A 79 4.88 9.07 9.17
CA PHE A 79 5.31 9.42 7.80
C PHE A 79 4.32 8.93 6.78
N LEU A 80 3.53 9.87 6.23
CA LEU A 80 2.57 9.52 5.22
C LEU A 80 2.80 10.43 4.03
N VAL A 81 4.05 10.69 3.70
CA VAL A 81 4.44 11.17 2.41
C VAL A 81 4.94 9.95 1.65
N PRO A 82 4.96 10.05 0.34
CA PRO A 82 5.46 8.92 -0.53
C PRO A 82 6.88 8.45 -0.06
N ASP A 83 7.01 7.12 0.00
CA ASP A 83 8.19 6.46 0.54
C ASP A 83 9.49 7.03 0.02
N MET A 84 9.53 7.36 -1.27
CA MET A 84 10.76 7.82 -1.96
C MET A 84 11.16 9.26 -1.65
N VAL A 85 10.33 9.95 -0.86
CA VAL A 85 10.54 11.34 -0.39
C VAL A 85 10.87 11.42 1.14
N GLN A 86 10.71 10.30 1.85
CA GLN A 86 10.82 10.29 3.28
C GLN A 86 12.21 10.57 3.78
N LYS A 87 13.24 10.14 3.01
CA LYS A 87 14.57 10.34 3.53
C LYS A 87 14.89 11.82 3.60
N SER A 88 14.53 12.54 2.56
CA SER A 88 14.71 13.99 2.43
C SER A 88 13.90 14.67 3.58
N LEU A 89 12.69 14.16 3.87
CA LEU A 89 11.92 14.82 4.92
C LEU A 89 12.57 14.57 6.29
N TRP A 90 12.99 13.32 6.49
CA TRP A 90 13.71 12.95 7.70
C TRP A 90 14.89 13.86 7.89
N LEU A 91 15.71 14.03 6.86
CA LEU A 91 16.98 14.69 7.07
C LEU A 91 16.79 16.21 7.20
N ASN A 92 15.88 16.75 6.40
CA ASN A 92 15.69 18.17 6.31
C ASN A 92 14.93 18.74 7.52
N SER A 93 13.98 17.95 8.07
CA SER A 93 12.86 18.58 8.83
C SER A 93 12.38 17.74 10.00
N VAL A 94 12.91 16.55 10.18
CA VAL A 94 12.58 15.68 11.34
C VAL A 94 13.70 15.34 12.29
N LYS A 95 14.80 14.78 11.77
CA LYS A 95 15.77 14.18 12.64
C LYS A 95 16.19 15.17 13.71
N ASP A 96 16.44 16.42 13.34
CA ASP A 96 17.12 17.30 14.28
C ASP A 96 16.10 18.23 14.91
N PHE A 97 14.81 17.89 14.76
CA PHE A 97 13.75 18.76 15.24
C PHE A 97 12.75 18.05 16.12
N MET A 98 12.63 16.75 15.95
CA MET A 98 11.62 15.99 16.60
C MET A 98 11.80 16.10 18.08
N LYS A 99 10.68 16.15 18.82
CA LYS A 99 10.71 15.88 20.24
C LYS A 99 11.51 14.62 20.57
N LYS A 100 12.44 14.76 21.52
CA LYS A 100 13.28 13.65 21.89
C LYS A 100 12.43 12.51 22.45
N GLY A 101 12.58 11.31 21.87
CA GLY A 101 11.85 10.16 22.34
C GLY A 101 10.46 9.99 21.71
N ALA A 102 10.12 10.82 20.74
CA ALA A 102 8.85 10.72 20.03
C ALA A 102 8.81 9.38 19.23
N ASP A 103 7.67 8.70 19.24
CA ASP A 103 7.53 7.55 18.38
C ASP A 103 7.59 7.92 16.86
N LEU A 104 8.18 7.00 16.07
CA LEU A 104 8.24 7.15 14.60
C LEU A 104 7.43 6.03 14.02
N VAL A 105 6.52 6.41 13.13
CA VAL A 105 5.45 5.51 12.68
C VAL A 105 5.44 5.58 11.17
N PHE A 106 5.38 4.37 10.57
CA PHE A 106 5.36 4.22 9.12
C PHE A 106 4.15 3.41 8.68
N ALA A 107 3.74 3.51 7.42
CA ALA A 107 2.77 2.64 6.81
C ALA A 107 3.34 1.60 5.85
N HIS A 108 4.64 1.71 5.59
CA HIS A 108 5.37 0.66 4.90
C HIS A 108 6.75 0.50 5.59
N GLY A 109 7.30 -0.74 5.51
CA GLY A 109 8.52 -1.03 6.29
C GLY A 109 9.78 -0.74 5.49
N PHE A 110 9.64 -0.33 4.25
CA PHE A 110 10.77 -0.21 3.31
C PHE A 110 11.93 0.66 3.82
N ASN A 111 11.64 1.91 4.22
CA ASN A 111 12.72 2.84 4.56
C ASN A 111 13.45 2.45 5.78
N ILE A 112 12.78 1.79 6.70
CA ILE A 112 13.45 1.44 7.94
C ILE A 112 14.19 0.11 7.67
N HIS A 113 13.49 -0.80 7.03
CA HIS A 113 14.05 -2.16 6.79
C HIS A 113 15.35 -2.14 5.99
N PHE A 114 15.37 -1.38 4.91
CA PHE A 114 16.58 -1.27 4.05
C PHE A 114 17.55 -0.17 4.49
N LYS A 115 17.28 0.39 5.64
CA LYS A 115 18.17 1.28 6.40
C LYS A 115 18.38 2.60 5.66
N ILE A 116 17.32 3.02 4.97
CA ILE A 116 17.34 4.27 4.25
C ILE A 116 17.22 5.42 5.26
N ILE A 117 16.42 5.16 6.30
CA ILE A 117 16.41 5.97 7.52
C ILE A 117 16.85 5.15 8.72
N GLU A 118 17.82 5.69 9.48
CA GLU A 118 18.19 5.12 10.73
C GLU A 118 17.61 5.90 11.90
N PRO A 119 16.75 5.23 12.65
CA PRO A 119 16.05 6.03 13.66
C PRO A 119 16.91 6.18 14.88
N PRO A 120 16.64 7.20 15.73
CA PRO A 120 17.20 7.23 17.04
C PRO A 120 16.97 5.98 17.87
N LYS A 121 17.92 5.71 18.75
CA LYS A 121 17.84 4.54 19.57
C LYS A 121 16.79 4.61 20.64
N ASP A 122 16.40 5.86 20.97
CA ASP A 122 15.53 6.11 22.12
C ASP A 122 14.11 6.41 21.61
N SER A 123 13.77 6.12 20.36
CA SER A 123 12.39 6.20 19.88
C SER A 123 11.79 4.81 19.59
N ASP A 124 10.55 4.55 20.02
CA ASP A 124 9.77 3.46 19.50
C ASP A 124 9.60 3.67 18.01
N VAL A 125 9.70 2.58 17.23
CA VAL A 125 9.49 2.69 15.79
C VAL A 125 8.54 1.58 15.43
N TYR A 126 7.39 1.94 14.81
CA TYR A 126 6.41 0.96 14.52
C TYR A 126 5.65 1.30 13.24
N MET A 127 4.74 0.39 12.86
CA MET A 127 4.11 0.46 11.56
C MET A 127 2.66 -0.01 11.68
N ILE A 128 1.82 0.66 10.92
CA ILE A 128 0.47 0.17 10.67
C ILE A 128 0.33 0.27 9.15
N ALA A 129 0.08 -0.88 8.50
CA ALA A 129 0.09 -0.99 7.04
C ALA A 129 -1.23 -1.51 6.45
N PRO A 130 -2.18 -0.58 6.21
CA PRO A 130 -3.36 -0.91 5.49
C PRO A 130 -3.05 -1.18 3.99
N LYS A 131 -3.93 -1.84 3.28
CA LYS A 131 -3.60 -2.06 1.87
C LYS A 131 -4.74 -1.63 1.01
N SER A 132 -5.15 -0.39 1.20
CA SER A 132 -6.31 0.16 0.56
C SER A 132 -5.99 1.62 0.28
N PRO A 133 -6.55 2.15 -0.84
CA PRO A 133 -6.34 3.58 -1.04
C PRO A 133 -7.00 4.40 0.06
N GLY A 134 -6.40 5.56 0.34
CA GLY A 134 -6.86 6.50 1.32
C GLY A 134 -8.37 6.69 1.32
N PRO A 135 -8.97 6.92 0.15
CA PRO A 135 -10.41 7.15 0.13
C PRO A 135 -11.20 6.02 0.71
N ILE A 136 -10.71 4.80 0.56
CA ILE A 136 -11.39 3.65 1.12
C ILE A 136 -11.16 3.54 2.62
N VAL A 137 -9.94 3.82 3.05
CA VAL A 137 -9.62 3.88 4.49
C VAL A 137 -10.59 4.89 5.16
N ARG A 138 -10.77 6.04 4.52
CA ARG A 138 -11.67 7.07 5.05
C ARG A 138 -13.13 6.62 4.98
N ARG A 139 -13.61 6.20 3.83
CA ARG A 139 -15.06 5.92 3.72
C ARG A 139 -15.47 4.73 4.58
N SER A 140 -14.66 3.68 4.59
CA SER A 140 -14.98 2.54 5.44
C SER A 140 -15.12 2.96 6.87
N TYR A 141 -14.16 3.71 7.36
CA TYR A 141 -14.24 4.25 8.72
C TYR A 141 -15.58 5.03 8.97
N GLU A 142 -15.94 5.92 8.04
CA GLU A 142 -17.18 6.77 8.26
C GLU A 142 -18.45 5.94 8.28
N MET A 143 -18.44 4.80 7.61
CA MET A 143 -19.54 3.87 7.59
C MET A 143 -19.62 2.93 8.80
N GLY A 144 -18.64 3.00 9.72
CA GLY A 144 -18.60 2.13 10.87
C GLY A 144 -17.78 0.84 10.64
N GLY A 145 -17.16 0.69 9.44
CA GLY A 145 -16.24 -0.44 9.15
C GLY A 145 -14.80 0.00 9.08
N GLY A 146 -14.01 -0.81 8.41
CA GLY A 146 -12.57 -0.52 8.30
C GLY A 146 -12.01 -1.42 7.22
N VAL A 147 -10.73 -1.20 6.93
CA VAL A 147 -9.94 -2.13 6.08
C VAL A 147 -8.85 -2.86 6.91
N PRO A 148 -8.51 -4.08 6.48
CA PRO A 148 -7.50 -4.81 7.27
C PRO A 148 -6.07 -4.25 7.10
N ALA A 149 -5.28 -4.45 8.15
CA ALA A 149 -3.93 -3.93 8.14
C ALA A 149 -2.98 -4.91 8.78
N LEU A 150 -1.69 -4.72 8.48
CA LEU A 150 -0.63 -5.33 9.32
C LEU A 150 -0.16 -4.33 10.38
N VAL A 151 0.35 -4.83 11.52
CA VAL A 151 1.04 -4.02 12.44
C VAL A 151 2.45 -4.63 12.65
N ALA A 152 3.43 -3.80 12.88
CA ALA A 152 4.79 -4.31 13.26
C ALA A 152 5.52 -3.31 14.13
N VAL A 153 6.52 -3.81 14.83
CA VAL A 153 7.39 -2.98 15.68
C VAL A 153 8.87 -3.24 15.33
N TYR A 154 9.59 -2.17 15.10
CA TYR A 154 11.04 -2.28 14.77
C TYR A 154 11.81 -2.04 16.04
N GLN A 155 11.42 -1.05 16.82
CA GLN A 155 12.09 -0.69 18.09
C GLN A 155 11.05 -0.52 19.20
N ASN A 156 11.17 -1.30 20.23
CA ASN A 156 10.35 -1.21 21.44
C ASN A 156 11.13 -0.72 22.66
N VAL A 157 11.31 0.59 22.70
CA VAL A 157 12.04 1.27 23.78
C VAL A 157 11.18 1.42 25.02
N SER A 158 9.89 1.70 24.77
CA SER A 158 8.98 2.08 25.84
C SER A 158 8.49 0.84 26.58
N GLY A 159 8.42 -0.27 25.86
CA GLY A 159 7.73 -1.45 26.37
C GLY A 159 6.33 -1.64 25.82
N GLU A 160 5.82 -0.58 25.21
CA GLU A 160 4.41 -0.45 24.87
C GLU A 160 4.24 -0.16 23.38
N ALA A 161 5.28 -0.35 22.56
CA ALA A 161 5.19 0.02 21.15
C ALA A 161 4.07 -0.67 20.42
N LEU A 162 3.95 -1.98 20.58
CA LEU A 162 2.94 -2.74 19.85
C LEU A 162 1.55 -2.20 20.27
N GLN A 163 1.36 -1.97 21.57
CA GLN A 163 0.02 -1.49 22.00
C GLN A 163 -0.31 -0.09 21.38
N LYS A 164 0.68 0.80 21.26
CA LYS A 164 0.48 2.05 20.58
C LYS A 164 0.17 1.88 19.07
N ALA A 165 0.86 0.93 18.46
CA ALA A 165 0.63 0.69 17.08
C ALA A 165 -0.81 0.18 16.87
N LEU A 166 -1.19 -0.77 17.70
CA LEU A 166 -2.56 -1.30 17.74
C LEU A 166 -3.63 -0.23 17.99
N ALA A 167 -3.33 0.68 18.91
CA ALA A 167 -4.23 1.81 19.15
C ALA A 167 -4.41 2.72 17.91
N ILE A 168 -3.32 3.02 17.23
CA ILE A 168 -3.41 3.72 15.96
C ILE A 168 -4.22 2.98 14.95
N ALA A 169 -3.99 1.66 14.81
CA ALA A 169 -4.74 0.79 13.89
C ALA A 169 -6.27 0.89 14.21
N LYS A 170 -6.57 0.81 15.50
CA LYS A 170 -7.96 0.97 16.00
C LYS A 170 -8.52 2.35 15.66
N GLY A 171 -7.74 3.40 15.88
CA GLY A 171 -8.14 4.78 15.60
C GLY A 171 -8.44 5.12 14.17
N ILE A 172 -7.79 4.39 13.25
CA ILE A 172 -8.02 4.63 11.82
C ILE A 172 -9.07 3.65 11.24
N GLY A 173 -9.58 2.74 12.10
CA GLY A 173 -10.68 1.84 11.71
C GLY A 173 -10.29 0.43 11.27
N CYS A 174 -8.97 0.20 11.23
CA CYS A 174 -8.51 -1.08 10.71
C CYS A 174 -8.85 -2.28 11.57
N ALA A 175 -8.87 -2.06 12.88
CA ALA A 175 -9.25 -3.12 13.81
C ALA A 175 -10.73 -3.60 13.64
N ARG A 176 -11.56 -2.78 13.04
CA ARG A 176 -12.91 -3.24 12.74
C ARG A 176 -12.93 -4.38 11.75
N ALA A 177 -11.87 -4.45 10.92
CA ALA A 177 -11.71 -5.52 9.94
C ALA A 177 -10.78 -6.62 10.42
N GLY A 178 -9.66 -6.25 10.99
CA GLY A 178 -8.70 -7.25 11.39
C GLY A 178 -7.31 -6.69 11.20
N VAL A 179 -6.49 -6.78 12.23
CA VAL A 179 -5.07 -6.40 12.19
C VAL A 179 -4.21 -7.65 12.46
N ILE A 180 -3.26 -7.89 11.51
CA ILE A 180 -2.39 -9.06 11.60
C ILE A 180 -0.96 -8.58 12.06
N GLU A 181 -0.43 -9.16 13.12
CA GLU A 181 0.93 -8.78 13.55
C GLU A 181 2.00 -9.38 12.58
N SER A 182 2.93 -8.53 12.18
CA SER A 182 4.01 -8.93 11.32
C SER A 182 5.31 -8.28 11.83
N THR A 183 6.31 -8.17 10.93
CA THR A 183 7.58 -7.50 11.20
C THR A 183 7.84 -6.54 10.05
N PHE A 184 8.75 -5.59 10.23
CA PHE A 184 9.10 -4.69 9.16
C PHE A 184 9.69 -5.46 7.95
N LYS A 185 10.59 -6.42 8.25
CA LYS A 185 11.17 -7.32 7.24
C LYS A 185 10.10 -8.04 6.44
N GLU A 186 9.21 -8.74 7.14
CA GLU A 186 8.11 -9.43 6.44
C GLU A 186 7.19 -8.52 5.62
N GLU A 187 6.68 -7.42 6.21
CA GLU A 187 5.78 -6.55 5.41
C GLU A 187 6.48 -6.05 4.16
N THR A 188 7.77 -5.65 4.27
CA THR A 188 8.45 -5.02 3.20
C THR A 188 8.67 -6.07 2.06
N GLU A 189 9.13 -7.26 2.46
CA GLU A 189 9.58 -8.26 1.47
C GLU A 189 8.35 -8.83 0.79
N THR A 190 7.32 -9.09 1.57
CA THR A 190 6.11 -9.66 0.98
C THR A 190 5.32 -8.65 0.16
N ASP A 191 5.32 -7.41 0.62
CA ASP A 191 4.66 -6.34 -0.12
C ASP A 191 5.32 -6.18 -1.48
N LEU A 192 6.65 -6.08 -1.47
CA LEU A 192 7.35 -5.85 -2.76
C LEU A 192 7.16 -7.05 -3.77
N PHE A 193 7.15 -8.25 -3.17
CA PHE A 193 7.09 -9.48 -3.94
C PHE A 193 5.71 -9.55 -4.56
N GLY A 194 4.63 -9.32 -3.74
CA GLY A 194 3.31 -9.34 -4.34
C GLY A 194 3.10 -8.33 -5.48
N GLU A 195 3.60 -7.11 -5.32
CA GLU A 195 3.52 -6.13 -6.33
C GLU A 195 4.11 -6.58 -7.65
N GLN A 196 5.29 -7.17 -7.50
CA GLN A 196 6.09 -7.52 -8.65
C GLN A 196 5.58 -8.73 -9.39
N VAL A 197 5.29 -9.81 -8.69
CA VAL A 197 5.02 -11.08 -9.42
C VAL A 197 3.55 -11.34 -9.68
N ILE A 198 2.65 -10.61 -8.99
CA ILE A 198 1.18 -10.89 -9.22
C ILE A 198 0.32 -9.65 -9.26
N LEU A 199 0.39 -8.80 -8.22
CA LEU A 199 -0.62 -7.70 -8.15
C LEU A 199 -0.47 -6.71 -9.28
N VAL A 200 0.75 -6.35 -9.69
CA VAL A 200 0.96 -5.39 -10.74
C VAL A 200 1.64 -6.08 -11.90
N GLY A 201 2.87 -6.59 -11.66
CA GLY A 201 3.66 -7.15 -12.80
C GLY A 201 3.05 -8.39 -13.40
N GLY A 202 2.79 -9.38 -12.56
CA GLY A 202 2.32 -10.69 -13.04
C GLY A 202 1.00 -10.60 -13.80
N ILE A 203 -0.01 -9.98 -13.16
CA ILE A 203 -1.31 -9.94 -13.81
C ILE A 203 -1.23 -9.14 -15.09
N MET A 204 -0.53 -8.03 -15.06
CA MET A 204 -0.40 -7.20 -16.23
C MET A 204 0.16 -7.95 -17.45
N GLU A 205 1.29 -8.64 -17.23
CA GLU A 205 1.92 -9.31 -18.32
C GLU A 205 1.23 -10.61 -18.70
N LEU A 206 0.52 -11.25 -17.76
CA LEU A 206 -0.34 -12.35 -18.10
C LEU A 206 -1.46 -11.95 -19.05
N ILE A 207 -2.08 -10.81 -18.70
CA ILE A 207 -3.07 -10.20 -19.60
C ILE A 207 -2.48 -9.89 -20.96
N LYS A 208 -1.38 -9.11 -20.98
CA LYS A 208 -0.72 -8.79 -22.29
C LYS A 208 -0.36 -10.03 -23.09
N ALA A 209 0.23 -11.04 -22.44
CA ALA A 209 0.72 -12.19 -23.19
C ALA A 209 -0.43 -12.99 -23.73
N SER A 210 -1.53 -13.11 -22.95
CA SER A 210 -2.74 -13.77 -23.46
C SER A 210 -3.36 -13.06 -24.64
N PHE A 211 -3.52 -11.74 -24.53
CA PHE A 211 -4.12 -10.96 -25.60
C PHE A 211 -3.19 -11.07 -26.83
N GLU A 212 -1.88 -10.87 -26.63
CA GLU A 212 -0.99 -10.82 -27.76
C GLU A 212 -0.91 -12.19 -28.48
N THR A 213 -1.05 -13.28 -27.71
CA THR A 213 -1.06 -14.62 -28.29
C THR A 213 -2.17 -14.72 -29.33
N LEU A 214 -3.37 -14.25 -28.92
CA LEU A 214 -4.54 -14.29 -29.78
C LEU A 214 -4.38 -13.37 -30.98
N VAL A 215 -3.87 -12.17 -30.73
CA VAL A 215 -3.74 -11.24 -31.82
C VAL A 215 -2.70 -11.78 -32.82
N GLU A 216 -1.60 -12.34 -32.34
CA GLU A 216 -0.57 -12.86 -33.31
C GLU A 216 -1.11 -13.96 -34.18
N GLU A 217 -2.02 -14.75 -33.64
CA GLU A 217 -2.65 -15.85 -34.36
C GLU A 217 -3.77 -15.46 -35.32
N GLY A 218 -4.14 -14.19 -35.32
CA GLY A 218 -4.96 -13.59 -36.34
C GLY A 218 -6.41 -13.33 -35.93
N TYR A 219 -6.73 -13.51 -34.66
CA TYR A 219 -8.09 -13.21 -34.13
C TYR A 219 -8.26 -11.73 -33.96
N GLN A 220 -9.53 -11.28 -33.94
CA GLN A 220 -9.79 -9.84 -33.92
C GLN A 220 -9.36 -9.31 -32.54
N PRO A 221 -8.65 -8.18 -32.53
CA PRO A 221 -8.17 -7.68 -31.23
C PRO A 221 -9.35 -7.39 -30.27
N GLU A 222 -10.48 -6.92 -30.83
CA GLU A 222 -11.64 -6.62 -29.97
C GLU A 222 -12.17 -7.87 -29.25
N VAL A 223 -12.14 -8.98 -29.97
CA VAL A 223 -12.60 -10.23 -29.43
C VAL A 223 -11.62 -10.74 -28.40
N ALA A 224 -10.32 -10.65 -28.75
CA ALA A 224 -9.33 -11.05 -27.84
C ALA A 224 -9.43 -10.31 -26.52
N TYR A 225 -9.75 -9.01 -26.58
CA TYR A 225 -9.89 -8.24 -25.35
C TYR A 225 -11.14 -8.76 -24.58
N PHE A 226 -12.23 -8.97 -25.30
CA PHE A 226 -13.46 -9.50 -24.72
C PHE A 226 -13.26 -10.85 -24.01
N GLU A 227 -12.45 -11.73 -24.63
CA GLU A 227 -12.32 -13.07 -24.18
C GLU A 227 -11.19 -13.23 -23.13
N THR A 228 -10.36 -12.19 -22.92
CA THR A 228 -9.21 -12.23 -21.94
C THR A 228 -9.17 -11.23 -20.81
N VAL A 229 -9.79 -10.08 -20.99
CA VAL A 229 -9.74 -9.03 -19.95
C VAL A 229 -11.08 -8.82 -19.28
N ASN A 230 -12.11 -8.75 -20.10
CA ASN A 230 -13.40 -8.23 -19.62
C ASN A 230 -13.90 -8.99 -18.39
N GLU A 231 -13.84 -10.32 -18.43
CA GLU A 231 -14.50 -11.16 -17.43
C GLU A 231 -13.59 -11.31 -16.15
N LEU A 232 -12.39 -10.76 -16.23
CA LEU A 232 -11.45 -10.86 -15.10
C LEU A 232 -12.00 -10.29 -13.80
N LYS A 233 -12.77 -9.22 -13.92
CA LYS A 233 -13.33 -8.62 -12.71
C LYS A 233 -14.26 -9.58 -11.97
N LEU A 234 -15.08 -10.28 -12.73
CA LEU A 234 -15.99 -11.28 -12.14
C LEU A 234 -15.27 -12.39 -11.41
N ILE A 235 -14.21 -12.90 -12.10
CA ILE A 235 -13.39 -13.94 -11.52
C ILE A 235 -12.73 -13.49 -10.19
N VAL A 236 -12.12 -12.33 -10.20
CA VAL A 236 -11.35 -11.91 -9.11
C VAL A 236 -12.32 -11.52 -7.95
N ASP A 237 -13.48 -10.98 -8.31
CA ASP A 237 -14.56 -10.82 -7.32
C ASP A 237 -14.96 -12.14 -6.61
N LEU A 238 -15.15 -13.21 -7.38
CA LEU A 238 -15.38 -14.51 -6.81
C LEU A 238 -14.28 -14.96 -5.86
N ILE A 239 -13.04 -14.74 -6.29
CA ILE A 239 -11.93 -15.18 -5.48
C ILE A 239 -11.91 -14.42 -4.14
N TYR A 240 -12.09 -13.10 -4.25
CA TYR A 240 -12.06 -12.22 -3.11
C TYR A 240 -13.15 -12.57 -2.04
N GLU A 241 -14.31 -12.97 -2.51
CA GLU A 241 -15.49 -13.35 -1.69
C GLU A 241 -15.53 -14.78 -1.16
N LYS A 242 -15.02 -15.74 -1.97
CA LYS A 242 -15.38 -17.16 -1.85
C LYS A 242 -14.18 -18.07 -2.20
N GLY A 243 -13.02 -17.45 -2.34
CA GLY A 243 -11.77 -18.20 -2.58
C GLY A 243 -11.66 -18.76 -3.96
N LEU A 244 -10.51 -19.43 -4.22
CA LEU A 244 -10.35 -20.15 -5.44
C LEU A 244 -11.38 -21.28 -5.66
N THR A 245 -11.69 -22.04 -4.60
CA THR A 245 -12.72 -23.10 -4.69
C THR A 245 -14.12 -22.55 -5.13
N GLY A 246 -14.50 -21.42 -4.53
CA GLY A 246 -15.83 -20.83 -4.77
C GLY A 246 -15.85 -20.25 -6.13
N MET A 247 -14.69 -19.72 -6.59
CA MET A 247 -14.56 -19.34 -7.99
C MET A 247 -14.72 -20.48 -9.00
N LEU A 248 -14.04 -21.60 -8.76
CA LEU A 248 -14.15 -22.75 -9.64
C LEU A 248 -15.52 -23.36 -9.66
N ARG A 249 -16.17 -23.38 -8.50
CA ARG A 249 -17.58 -23.83 -8.43
C ARG A 249 -18.54 -22.97 -9.22
N ALA A 250 -18.26 -21.68 -9.35
CA ALA A 250 -19.16 -20.79 -10.06
C ALA A 250 -19.01 -20.79 -11.56
N VAL A 251 -17.86 -21.12 -12.08
CA VAL A 251 -17.68 -21.12 -13.53
C VAL A 251 -18.20 -22.37 -14.20
N SER A 252 -18.31 -22.35 -15.54
CA SER A 252 -18.87 -23.52 -16.24
C SER A 252 -17.96 -24.74 -16.10
N ASP A 253 -18.54 -25.90 -16.33
CA ASP A 253 -17.78 -27.13 -16.31
C ASP A 253 -16.59 -27.08 -17.27
N THR A 254 -16.83 -26.62 -18.48
CA THR A 254 -15.77 -26.47 -19.45
C THR A 254 -14.64 -25.56 -18.95
N ALA A 255 -14.97 -24.44 -18.29
CA ALA A 255 -14.01 -23.52 -17.73
C ALA A 255 -13.21 -24.14 -16.57
N LYS A 256 -13.91 -24.88 -15.70
CA LYS A 256 -13.32 -25.56 -14.55
C LYS A 256 -12.19 -26.49 -15.10
N TYR A 257 -12.59 -27.34 -16.03
CA TYR A 257 -11.67 -28.34 -16.55
C TYR A 257 -10.50 -27.66 -17.24
N GLY A 258 -10.76 -26.67 -18.08
CA GLY A 258 -9.74 -25.91 -18.74
C GLY A 258 -8.76 -25.34 -17.77
N GLY A 259 -9.27 -24.72 -16.73
CA GLY A 259 -8.45 -23.97 -15.86
C GLY A 259 -7.61 -24.91 -15.02
N ILE A 260 -8.23 -25.98 -14.52
CA ILE A 260 -7.55 -26.95 -13.68
C ILE A 260 -6.43 -27.68 -14.42
N THR A 261 -6.62 -27.91 -15.72
CA THR A 261 -5.66 -28.69 -16.48
C THR A 261 -4.57 -27.80 -17.03
N VAL A 262 -4.89 -26.58 -17.46
CA VAL A 262 -3.94 -25.71 -18.07
C VAL A 262 -3.21 -24.76 -17.15
N GLY A 263 -3.79 -24.35 -16.02
CA GLY A 263 -3.11 -23.40 -15.13
C GLY A 263 -1.66 -23.69 -14.78
N LYS A 264 -1.44 -24.91 -14.36
CA LYS A 264 -0.10 -25.36 -13.96
C LYS A 264 0.80 -25.68 -15.16
N PHE A 265 0.26 -25.80 -16.35
CA PHE A 265 1.11 -25.88 -17.56
C PHE A 265 1.74 -24.52 -17.88
N ILE A 266 0.93 -23.45 -17.77
CA ILE A 266 1.35 -22.08 -18.04
C ILE A 266 2.27 -21.55 -16.92
N ILE A 267 1.82 -21.71 -15.69
CA ILE A 267 2.53 -21.30 -14.52
C ILE A 267 3.12 -22.51 -13.87
N ASP A 268 4.32 -22.80 -14.34
CA ASP A 268 4.94 -24.08 -14.08
C ASP A 268 6.17 -23.88 -13.23
N LYS A 269 7.00 -24.93 -13.12
CA LYS A 269 8.17 -24.88 -12.25
C LYS A 269 9.12 -23.75 -12.64
N SER A 270 9.25 -23.50 -13.92
CA SER A 270 10.16 -22.47 -14.37
C SER A 270 9.70 -21.08 -13.89
N VAL A 271 8.37 -20.87 -13.85
CA VAL A 271 7.82 -19.59 -13.31
C VAL A 271 8.11 -19.49 -11.84
N ARG A 272 7.89 -20.62 -11.15
CA ARG A 272 8.20 -20.66 -9.72
C ARG A 272 9.68 -20.41 -9.37
N ASP A 273 10.58 -20.97 -10.19
CA ASP A 273 11.98 -20.63 -10.04
C ASP A 273 12.29 -19.11 -10.24
N LYS A 274 11.70 -18.50 -11.24
CA LYS A 274 11.88 -17.08 -11.43
C LYS A 274 11.28 -16.24 -10.32
N MET A 275 10.19 -16.74 -9.79
CA MET A 275 9.64 -16.10 -8.55
C MET A 275 10.64 -16.17 -7.45
N LYS A 276 11.42 -17.24 -7.33
CA LYS A 276 12.43 -17.29 -6.22
C LYS A 276 13.50 -16.23 -6.41
N ILE A 277 13.90 -16.04 -7.66
CA ILE A 277 14.90 -15.09 -8.00
C ILE A 277 14.42 -13.68 -7.67
N VAL A 278 13.18 -13.39 -8.07
CA VAL A 278 12.61 -12.06 -7.71
C VAL A 278 12.66 -11.82 -6.24
N LEU A 279 12.24 -12.82 -5.46
CA LEU A 279 12.21 -12.72 -4.01
C LEU A 279 13.61 -12.50 -3.47
N GLU A 280 14.59 -13.23 -4.07
CA GLU A 280 15.98 -13.08 -3.67
C GLU A 280 16.50 -11.69 -3.80
N ARG A 281 16.15 -11.06 -4.90
CA ARG A 281 16.57 -9.71 -5.22
C ARG A 281 15.91 -8.64 -4.38
N ILE A 282 14.70 -8.96 -3.90
CA ILE A 282 14.11 -8.13 -2.79
C ILE A 282 14.89 -8.33 -1.49
N ARG A 283 15.06 -9.60 -1.10
CA ARG A 283 15.63 -9.93 0.21
C ARG A 283 17.07 -9.42 0.37
N SER A 284 17.85 -9.50 -0.71
CA SER A 284 19.27 -9.10 -0.79
C SER A 284 19.50 -7.57 -0.71
N GLY A 285 18.38 -6.80 -0.92
CA GLY A 285 18.53 -5.38 -1.10
C GLY A 285 18.81 -4.92 -2.50
N GLU A 286 18.97 -5.84 -3.45
CA GLU A 286 19.25 -5.40 -4.82
C GLU A 286 18.12 -4.54 -5.37
N PHE A 287 16.87 -4.98 -5.18
CA PHE A 287 15.76 -4.28 -5.76
C PHE A 287 15.69 -2.84 -5.27
N ALA A 288 15.82 -2.73 -3.95
CA ALA A 288 15.79 -1.42 -3.27
C ALA A 288 16.88 -0.52 -3.85
N ARG A 289 18.11 -1.05 -4.00
CA ARG A 289 19.17 -0.19 -4.52
C ARG A 289 18.88 0.33 -5.91
N GLU A 290 18.49 -0.58 -6.81
CA GLU A 290 18.12 -0.17 -8.17
C GLU A 290 16.98 0.79 -8.25
N TRP A 291 15.96 0.59 -7.41
CA TRP A 291 14.84 1.46 -7.39
C TRP A 291 15.22 2.82 -6.88
N ILE A 292 16.05 2.92 -5.79
CA ILE A 292 16.55 4.23 -5.31
C ILE A 292 17.15 4.98 -6.51
N LYS A 293 18.12 4.31 -7.11
CA LYS A 293 18.88 4.93 -8.21
C LYS A 293 17.93 5.38 -9.32
N GLU A 294 16.99 4.51 -9.72
CA GLU A 294 16.02 4.85 -10.79
C GLU A 294 15.11 6.03 -10.40
N TYR A 295 14.72 6.07 -9.12
CA TYR A 295 13.84 7.12 -8.68
C TYR A 295 14.62 8.45 -8.73
N GLU A 296 15.88 8.38 -8.33
CA GLU A 296 16.71 9.58 -8.14
C GLU A 296 17.10 10.12 -9.48
N ARG A 297 17.05 9.26 -10.51
CA ARG A 297 17.18 9.73 -11.90
C ARG A 297 15.89 10.25 -12.51
N GLY A 298 14.78 10.27 -11.77
CA GLY A 298 13.48 10.72 -12.30
C GLY A 298 12.56 9.63 -12.90
N MET A 299 12.80 8.35 -12.57
CA MET A 299 11.98 7.24 -13.06
C MET A 299 11.85 7.15 -14.59
N PRO A 300 12.97 7.32 -15.35
CA PRO A 300 12.72 7.44 -16.79
C PRO A 300 12.23 6.10 -17.40
N THR A 301 12.63 4.98 -16.77
CA THR A 301 12.20 3.65 -17.22
C THR A 301 10.70 3.48 -17.06
N VAL A 302 10.19 3.99 -15.94
CA VAL A 302 8.76 3.88 -15.61
C VAL A 302 7.96 4.71 -16.61
N PHE A 303 8.39 5.92 -16.81
CA PHE A 303 7.72 6.77 -17.74
C PHE A 303 7.75 6.32 -19.22
N LYS A 304 8.92 5.85 -19.69
CA LYS A 304 9.03 5.31 -21.03
C LYS A 304 8.01 4.19 -21.24
N GLU A 305 8.00 3.24 -20.28
CA GLU A 305 7.18 2.05 -20.48
C GLU A 305 5.70 2.40 -20.41
N LEU A 306 5.33 3.36 -19.53
CA LEU A 306 3.91 3.84 -19.55
C LEU A 306 3.46 4.36 -20.89
N SER A 307 4.35 5.12 -21.50
CA SER A 307 4.10 5.68 -22.80
C SER A 307 3.95 4.62 -23.89
N GLU A 308 4.87 3.64 -23.85
CA GLU A 308 4.82 2.54 -24.80
C GLU A 308 3.56 1.74 -24.61
N LEU A 309 3.22 1.48 -23.34
CA LEU A 309 2.00 0.75 -23.02
C LEU A 309 0.76 1.45 -23.56
N GLU A 310 0.68 2.75 -23.27
CA GLU A 310 -0.47 3.51 -23.68
C GLU A 310 -0.78 3.42 -25.15
N GLY A 311 0.25 3.34 -25.98
CA GLY A 311 0.03 3.27 -27.45
C GLY A 311 -0.09 1.88 -28.04
N SER A 312 -0.05 0.86 -27.17
CA SER A 312 -0.10 -0.54 -27.60
C SER A 312 -1.50 -0.89 -28.09
N THR A 313 -1.58 -1.97 -28.85
CA THR A 313 -2.81 -2.49 -29.35
C THR A 313 -3.83 -2.77 -28.20
N ILE A 314 -3.38 -3.41 -27.13
CA ILE A 314 -4.28 -3.81 -26.04
C ILE A 314 -4.89 -2.54 -25.41
N GLU A 315 -4.12 -1.46 -25.29
CA GLU A 315 -4.66 -0.25 -24.69
C GLU A 315 -5.53 0.55 -25.63
N THR A 316 -5.21 0.59 -26.93
CA THR A 316 -6.01 1.40 -27.82
C THR A 316 -7.34 0.62 -27.96
N VAL A 317 -7.29 -0.72 -28.09
CA VAL A 317 -8.50 -1.56 -28.21
C VAL A 317 -9.34 -1.44 -26.89
N GLY A 318 -8.65 -1.60 -25.78
CA GLY A 318 -9.26 -1.37 -24.45
C GLY A 318 -10.04 -0.06 -24.37
N ARG A 319 -9.42 1.03 -24.81
CA ARG A 319 -10.04 2.39 -24.76
C ARG A 319 -11.31 2.47 -25.59
N LYS A 320 -11.23 1.88 -26.76
CA LYS A 320 -12.36 1.89 -27.70
C LYS A 320 -13.54 1.15 -27.10
N LEU A 321 -13.28 -0.03 -26.57
CA LEU A 321 -14.36 -0.87 -26.05
C LEU A 321 -14.98 -0.36 -24.76
N ARG A 322 -14.17 0.26 -23.91
CA ARG A 322 -14.63 0.90 -22.67
C ARG A 322 -15.50 2.07 -23.07
N GLU A 323 -15.06 2.91 -24.00
CA GLU A 323 -15.92 3.90 -24.67
C GLU A 323 -17.27 3.35 -25.11
N MET A 324 -17.24 2.29 -25.92
CA MET A 324 -18.47 1.59 -26.34
C MET A 324 -19.30 1.13 -25.11
N MET A 325 -18.74 0.27 -24.26
CA MET A 325 -19.48 -0.30 -23.08
C MET A 325 -20.07 0.78 -22.18
N PHE A 326 -19.41 1.94 -22.09
CA PHE A 326 -20.00 3.04 -21.31
C PHE A 326 -20.75 4.01 -22.26
C ARG A 327 -21.98 5.30 -25.04
N GLY A 328 -22.42 5.11 -26.30
CA GLY A 328 -21.94 5.91 -27.45
C GLY A 328 -20.55 5.52 -27.90
#